data_2MU8
# 
_entry.id   2MU8 
# 
_audit_conform.dict_name       mmcif_pdbx.dic 
_audit_conform.dict_version    5.392 
_audit_conform.dict_location   http://mmcif.pdb.org/dictionaries/ascii/mmcif_pdbx.dic 
# 
loop_
_database_2.database_id 
_database_2.database_code 
_database_2.pdbx_database_accession 
_database_2.pdbx_DOI 
PDB   2MU8         pdb_00002mu8 10.2210/pdb2mu8/pdb 
RCSB  RCSB104051   ?            ?                   
BMRB  25202        ?            10.13018/BMR25202   
WWPDB D_1000104051 ?            ?                   
# 
loop_
_pdbx_audit_revision_history.ordinal 
_pdbx_audit_revision_history.data_content_type 
_pdbx_audit_revision_history.major_revision 
_pdbx_audit_revision_history.minor_revision 
_pdbx_audit_revision_history.revision_date 
1 'Structure model' 1 0 2014-11-12 
2 'Structure model' 1 1 2015-12-09 
3 'Structure model' 1 2 2023-06-14 
4 'Structure model' 1 3 2024-05-15 
# 
_pdbx_audit_revision_details.ordinal             1 
_pdbx_audit_revision_details.revision_ordinal    1 
_pdbx_audit_revision_details.data_content_type   'Structure model' 
_pdbx_audit_revision_details.provider            repository 
_pdbx_audit_revision_details.type                'Initial release' 
_pdbx_audit_revision_details.description         ? 
_pdbx_audit_revision_details.details             ? 
# 
loop_
_pdbx_audit_revision_group.ordinal 
_pdbx_audit_revision_group.revision_ordinal 
_pdbx_audit_revision_group.data_content_type 
_pdbx_audit_revision_group.group 
1 2 'Structure model' 'Database references' 
2 3 'Structure model' 'Data collection'     
3 3 'Structure model' 'Database references' 
4 3 'Structure model' Other                 
5 4 'Structure model' 'Data collection'     
6 4 'Structure model' 'Database references' 
# 
loop_
_pdbx_audit_revision_category.ordinal 
_pdbx_audit_revision_category.revision_ordinal 
_pdbx_audit_revision_category.data_content_type 
_pdbx_audit_revision_category.category 
1 3 'Structure model' database_2           
2 3 'Structure model' pdbx_database_status 
3 3 'Structure model' pdbx_nmr_software    
4 4 'Structure model' chem_comp_atom       
5 4 'Structure model' chem_comp_bond       
6 4 'Structure model' database_2           
# 
loop_
_pdbx_audit_revision_item.ordinal 
_pdbx_audit_revision_item.revision_ordinal 
_pdbx_audit_revision_item.data_content_type 
_pdbx_audit_revision_item.item 
1 3 'Structure model' '_database_2.pdbx_DOI'                       
2 3 'Structure model' '_database_2.pdbx_database_accession'        
3 3 'Structure model' '_pdbx_database_status.status_code_nmr_data' 
4 3 'Structure model' '_pdbx_nmr_software.name'                    
5 4 'Structure model' '_database_2.pdbx_DOI'                       
# 
_pdbx_database_status.deposit_site                    BMRB 
_pdbx_database_status.entry_id                        2MU8 
_pdbx_database_status.process_site                    RCSB 
_pdbx_database_status.recvd_initial_deposition_date   2014-09-04 
_pdbx_database_status.SG_entry                        ? 
_pdbx_database_status.status_code                     REL 
_pdbx_database_status.status_code_mr                  REL 
_pdbx_database_status.status_code_sf                  ? 
_pdbx_database_status.status_code_cs                  REL 
_pdbx_database_status.methods_development_category    ? 
_pdbx_database_status.pdb_format_compatible           Y 
_pdbx_database_status.status_code_nmr_data            REL 
# 
loop_
_pdbx_database_related.db_id 
_pdbx_database_related.db_name 
_pdbx_database_related.content_type 
_pdbx_database_related.details 
25202 BMRB unspecified . 
2MU7  PDB  unspecified . 
# 
loop_
_audit_author.name 
_audit_author.pdbx_ordinal 
'Cifuentes, G.'   1 
'Patarroyo, M.E.' 2 
'Urquiza, M.'     3 
'Ramirez, L.E.'   4 
'Reyes, C.'       5 
'Rodriguez, R.'   6 
# 
_citation.id                        primary 
_citation.title                     
;Distorting malaria peptide backbone structure to enable fitting into MHC class II molecules renders modified peptides immunogenic and protective.
;
_citation.journal_abbrev            J.Med.Chem. 
_citation.journal_volume            46 
_citation.page_first                2250 
_citation.page_last                 2253 
_citation.year                      2003 
_citation.journal_id_ASTM           JMCMAR 
_citation.country                   US 
_citation.journal_id_ISSN           0022-2623 
_citation.journal_id_CSD            0151 
_citation.book_publisher            ? 
_citation.pdbx_database_id_PubMed   12747797 
_citation.pdbx_database_id_DOI      10.1021/jm020440w 
# 
loop_
_citation_author.citation_id 
_citation_author.name 
_citation_author.ordinal 
_citation_author.identifier_ORCID 
primary 'Cifuentes, G.'   1 ? 
primary 'Patarroyo, M.E.' 2 ? 
primary 'Urquiza, M.'     3 ? 
primary 'Ramirez, L.E.'   4 ? 
primary 'Reyes, C.'       5 ? 
primary 'Rodriguez, R.'   6 ? 
# 
_entity.id                         1 
_entity.type                       polymer 
_entity.src_method                 syn 
_entity.pdbx_description           'MSP-2 peptide' 
_entity.formula_weight             2397.644 
_entity.pdbx_number_of_molecules   1 
_entity.pdbx_ec                    ? 
_entity.pdbx_mutation              ? 
_entity.pdbx_fragment              ? 
_entity.details                    ? 
# 
_entity_poly.entity_id                      1 
_entity_poly.type                           'polypeptide(L)' 
_entity_poly.nstd_linkage                   no 
_entity_poly.nstd_monomer                   no 
_entity_poly.pdbx_seq_one_letter_code       KNESKYSNTFINNAYNMSIR 
_entity_poly.pdbx_seq_one_letter_code_can   KNESKYSNTFINNAYNMSIR 
_entity_poly.pdbx_strand_id                 A 
_entity_poly.pdbx_target_identifier         ? 
# 
loop_
_entity_poly_seq.entity_id 
_entity_poly_seq.num 
_entity_poly_seq.mon_id 
_entity_poly_seq.hetero 
1 1  LYS n 
1 2  ASN n 
1 3  GLU n 
1 4  SER n 
1 5  LYS n 
1 6  TYR n 
1 7  SER n 
1 8  ASN n 
1 9  THR n 
1 10 PHE n 
1 11 ILE n 
1 12 ASN n 
1 13 ASN n 
1 14 ALA n 
1 15 TYR n 
1 16 ASN n 
1 17 MET n 
1 18 SER n 
1 19 ILE n 
1 20 ARG n 
# 
_pdbx_entity_src_syn.entity_id              1 
_pdbx_entity_src_syn.pdbx_src_id            1 
_pdbx_entity_src_syn.pdbx_alt_source_flag   sample 
_pdbx_entity_src_syn.pdbx_beg_seq_num       ? 
_pdbx_entity_src_syn.pdbx_end_seq_num       ? 
_pdbx_entity_src_syn.organism_scientific    'Plasmodium falciparum' 
_pdbx_entity_src_syn.organism_common_name   ? 
_pdbx_entity_src_syn.ncbi_taxonomy_id       5833 
_pdbx_entity_src_syn.details                'Synthetic peptide of 20 residues length from MSP-2 protein of Plasmodium falciparum' 
# 
loop_
_chem_comp.id 
_chem_comp.type 
_chem_comp.mon_nstd_flag 
_chem_comp.name 
_chem_comp.pdbx_synonyms 
_chem_comp.formula 
_chem_comp.formula_weight 
ALA 'L-peptide linking' y ALANINE         ? 'C3 H7 N O2'     89.093  
ARG 'L-peptide linking' y ARGININE        ? 'C6 H15 N4 O2 1' 175.209 
ASN 'L-peptide linking' y ASPARAGINE      ? 'C4 H8 N2 O3'    132.118 
GLU 'L-peptide linking' y 'GLUTAMIC ACID' ? 'C5 H9 N O4'     147.129 
ILE 'L-peptide linking' y ISOLEUCINE      ? 'C6 H13 N O2'    131.173 
LYS 'L-peptide linking' y LYSINE          ? 'C6 H15 N2 O2 1' 147.195 
MET 'L-peptide linking' y METHIONINE      ? 'C5 H11 N O2 S'  149.211 
PHE 'L-peptide linking' y PHENYLALANINE   ? 'C9 H11 N O2'    165.189 
SER 'L-peptide linking' y SERINE          ? 'C3 H7 N O3'     105.093 
THR 'L-peptide linking' y THREONINE       ? 'C4 H9 N O3'     119.119 
TYR 'L-peptide linking' y TYROSINE        ? 'C9 H11 N O3'    181.189 
# 
loop_
_pdbx_poly_seq_scheme.asym_id 
_pdbx_poly_seq_scheme.entity_id 
_pdbx_poly_seq_scheme.seq_id 
_pdbx_poly_seq_scheme.mon_id 
_pdbx_poly_seq_scheme.ndb_seq_num 
_pdbx_poly_seq_scheme.pdb_seq_num 
_pdbx_poly_seq_scheme.auth_seq_num 
_pdbx_poly_seq_scheme.pdb_mon_id 
_pdbx_poly_seq_scheme.auth_mon_id 
_pdbx_poly_seq_scheme.pdb_strand_id 
_pdbx_poly_seq_scheme.pdb_ins_code 
_pdbx_poly_seq_scheme.hetero 
A 1 1  LYS 1  1  1  LYS LYS A . n 
A 1 2  ASN 2  2  2  ASN ASN A . n 
A 1 3  GLU 3  3  3  GLU GLU A . n 
A 1 4  SER 4  4  4  SER SER A . n 
A 1 5  LYS 5  5  5  LYS LYS A . n 
A 1 6  TYR 6  6  6  TYR TYR A . n 
A 1 7  SER 7  7  7  SER SER A . n 
A 1 8  ASN 8  8  8  ASN ASN A . n 
A 1 9  THR 9  9  9  THR THR A . n 
A 1 10 PHE 10 10 10 PHE PHE A . n 
A 1 11 ILE 11 11 11 ILE ILE A . n 
A 1 12 ASN 12 12 12 ASN ASN A . n 
A 1 13 ASN 13 13 13 ASN ASN A . n 
A 1 14 ALA 14 14 14 ALA ALA A . n 
A 1 15 TYR 15 15 15 TYR TYR A . n 
A 1 16 ASN 16 16 16 ASN ASN A . n 
A 1 17 MET 17 17 17 MET MET A . n 
A 1 18 SER 18 18 18 SER SER A . n 
A 1 19 ILE 19 19 19 ILE ILE A . n 
A 1 20 ARG 20 20 20 ARG ARG A . n 
# 
_exptl.entry_id          2MU8 
_exptl.method            'SOLUTION NMR' 
_exptl.crystals_number   ? 
# 
_struct.entry_id                  2MU8 
_struct.title                     
'Residues belonging the n-terminal region derived of merozoite surface protein-2 of plasmodium falciparum' 
_struct.pdbx_model_details        'fewest violations, model1' 
_struct.pdbx_CASP_flag            ? 
_struct.pdbx_model_type_details   ? 
# 
_struct_keywords.entry_id        2MU8 
_struct_keywords.pdbx_keywords   'CELL INVASION' 
_struct_keywords.text            'Merozoite Surface Protein 2, classic beta-turn, CELL INVASION' 
# 
_struct_asym.id                            A 
_struct_asym.pdbx_blank_PDB_chainid_flag   N 
_struct_asym.pdbx_modified                 N 
_struct_asym.entity_id                     1 
_struct_asym.details                       ? 
# 
_struct_ref.id                         1 
_struct_ref.db_name                    PDB 
_struct_ref.db_code                    2MU8 
_struct_ref.pdbx_db_accession          2MU8 
_struct_ref.entity_id                  1 
_struct_ref.pdbx_align_begin           ? 
_struct_ref.pdbx_seq_one_letter_code   KNESKYSNTFINNAYNMSIR 
_struct_ref.pdbx_db_isoform            ? 
# 
_struct_ref_seq.align_id                      1 
_struct_ref_seq.ref_id                        1 
_struct_ref_seq.pdbx_PDB_id_code              2MU8 
_struct_ref_seq.pdbx_strand_id                A 
_struct_ref_seq.seq_align_beg                 1 
_struct_ref_seq.pdbx_seq_align_beg_ins_code   ? 
_struct_ref_seq.seq_align_end                 20 
_struct_ref_seq.pdbx_seq_align_end_ins_code   ? 
_struct_ref_seq.pdbx_db_accession             2MU8 
_struct_ref_seq.db_align_beg                  1 
_struct_ref_seq.pdbx_db_align_beg_ins_code    ? 
_struct_ref_seq.db_align_end                  20 
_struct_ref_seq.pdbx_db_align_end_ins_code    ? 
_struct_ref_seq.pdbx_auth_seq_align_beg       1 
_struct_ref_seq.pdbx_auth_seq_align_end       20 
# 
_pdbx_struct_assembly.id                   1 
_pdbx_struct_assembly.details              author_defined_assembly 
_pdbx_struct_assembly.method_details       ? 
_pdbx_struct_assembly.oligomeric_details   monomeric 
_pdbx_struct_assembly.oligomeric_count     1 
# 
_pdbx_struct_assembly_gen.assembly_id       1 
_pdbx_struct_assembly_gen.oper_expression   1 
_pdbx_struct_assembly_gen.asym_id_list      A 
# 
_pdbx_struct_oper_list.id                   1 
_pdbx_struct_oper_list.type                 'identity operation' 
_pdbx_struct_oper_list.name                 1_555 
_pdbx_struct_oper_list.symmetry_operation   x,y,z 
_pdbx_struct_oper_list.matrix[1][1]         1.0000000000 
_pdbx_struct_oper_list.matrix[1][2]         0.0000000000 
_pdbx_struct_oper_list.matrix[1][3]         0.0000000000 
_pdbx_struct_oper_list.vector[1]            0.0000000000 
_pdbx_struct_oper_list.matrix[2][1]         0.0000000000 
_pdbx_struct_oper_list.matrix[2][2]         1.0000000000 
_pdbx_struct_oper_list.matrix[2][3]         0.0000000000 
_pdbx_struct_oper_list.vector[2]            0.0000000000 
_pdbx_struct_oper_list.matrix[3][1]         0.0000000000 
_pdbx_struct_oper_list.matrix[3][2]         0.0000000000 
_pdbx_struct_oper_list.matrix[3][3]         1.0000000000 
_pdbx_struct_oper_list.vector[3]            0.0000000000 
# 
_struct_biol.id        1 
_struct_biol.details   ? 
# 
_pdbx_validate_rmsd_bond.id                        1 
_pdbx_validate_rmsd_bond.PDB_model_num             1 
_pdbx_validate_rmsd_bond.auth_atom_id_1            CD 
_pdbx_validate_rmsd_bond.auth_asym_id_1            A 
_pdbx_validate_rmsd_bond.auth_comp_id_1            GLU 
_pdbx_validate_rmsd_bond.auth_seq_id_1             3 
_pdbx_validate_rmsd_bond.PDB_ins_code_1            ? 
_pdbx_validate_rmsd_bond.label_alt_id_1            ? 
_pdbx_validate_rmsd_bond.auth_atom_id_2            OE2 
_pdbx_validate_rmsd_bond.auth_asym_id_2            A 
_pdbx_validate_rmsd_bond.auth_comp_id_2            GLU 
_pdbx_validate_rmsd_bond.auth_seq_id_2             3 
_pdbx_validate_rmsd_bond.PDB_ins_code_2            ? 
_pdbx_validate_rmsd_bond.label_alt_id_2            ? 
_pdbx_validate_rmsd_bond.bond_value                1.371 
_pdbx_validate_rmsd_bond.bond_target_value         1.252 
_pdbx_validate_rmsd_bond.bond_deviation            0.119 
_pdbx_validate_rmsd_bond.bond_standard_deviation   0.011 
_pdbx_validate_rmsd_bond.linker_flag               N 
# 
_pdbx_validate_rmsd_angle.id                         1 
_pdbx_validate_rmsd_angle.PDB_model_num              1 
_pdbx_validate_rmsd_angle.auth_atom_id_1             NE 
_pdbx_validate_rmsd_angle.auth_asym_id_1             A 
_pdbx_validate_rmsd_angle.auth_comp_id_1             ARG 
_pdbx_validate_rmsd_angle.auth_seq_id_1              20 
_pdbx_validate_rmsd_angle.PDB_ins_code_1             ? 
_pdbx_validate_rmsd_angle.label_alt_id_1             ? 
_pdbx_validate_rmsd_angle.auth_atom_id_2             CZ 
_pdbx_validate_rmsd_angle.auth_asym_id_2             A 
_pdbx_validate_rmsd_angle.auth_comp_id_2             ARG 
_pdbx_validate_rmsd_angle.auth_seq_id_2              20 
_pdbx_validate_rmsd_angle.PDB_ins_code_2             ? 
_pdbx_validate_rmsd_angle.label_alt_id_2             ? 
_pdbx_validate_rmsd_angle.auth_atom_id_3             NH1 
_pdbx_validate_rmsd_angle.auth_asym_id_3             A 
_pdbx_validate_rmsd_angle.auth_comp_id_3             ARG 
_pdbx_validate_rmsd_angle.auth_seq_id_3              20 
_pdbx_validate_rmsd_angle.PDB_ins_code_3             ? 
_pdbx_validate_rmsd_angle.label_alt_id_3             ? 
_pdbx_validate_rmsd_angle.angle_value                123.99 
_pdbx_validate_rmsd_angle.angle_target_value         120.30 
_pdbx_validate_rmsd_angle.angle_deviation            3.69 
_pdbx_validate_rmsd_angle.angle_standard_deviation   0.50 
_pdbx_validate_rmsd_angle.linker_flag                N 
# 
loop_
_pdbx_validate_torsion.id 
_pdbx_validate_torsion.PDB_model_num 
_pdbx_validate_torsion.auth_comp_id 
_pdbx_validate_torsion.auth_asym_id 
_pdbx_validate_torsion.auth_seq_id 
_pdbx_validate_torsion.PDB_ins_code 
_pdbx_validate_torsion.label_alt_id 
_pdbx_validate_torsion.phi 
_pdbx_validate_torsion.psi 
1 1 ASN A 2  ? ? 56.45   77.16  
2 1 ILE A 11 ? ? 50.14   169.41 
3 1 ASN A 12 ? ? 74.23   48.01  
4 1 ALA A 14 ? ? -177.28 68.00  
5 1 ASN A 16 ? ? -103.98 44.20  
6 1 SER A 18 ? ? 65.48   65.47  
# 
_pdbx_nmr_ensemble.entry_id                                      2MU8 
_pdbx_nmr_ensemble.conformers_calculated_total_number            50 
_pdbx_nmr_ensemble.conformers_submitted_total_number             1 
_pdbx_nmr_ensemble.conformer_selection_criteria                  'structures with the lowest energy' 
_pdbx_nmr_ensemble.average_constraints_per_residue               ? 
_pdbx_nmr_ensemble.average_constraint_violations_per_residue     ? 
_pdbx_nmr_ensemble.maximum_distance_constraint_violation         ? 
_pdbx_nmr_ensemble.average_distance_constraint_violation         ? 
_pdbx_nmr_ensemble.maximum_upper_distance_constraint_violation   ? 
_pdbx_nmr_ensemble.maximum_lower_distance_constraint_violation   ? 
_pdbx_nmr_ensemble.distance_constraint_violation_method          ? 
_pdbx_nmr_ensemble.maximum_torsion_angle_constraint_violation    ? 
_pdbx_nmr_ensemble.average_torsion_angle_constraint_violation    ? 
_pdbx_nmr_ensemble.torsion_angle_constraint_violation_method     ? 
# 
_pdbx_nmr_representative.entry_id             2MU8 
_pdbx_nmr_representative.conformer_id         1 
_pdbx_nmr_representative.selection_criteria   ? 
# 
_pdbx_nmr_sample_details.solution_id      1 
_pdbx_nmr_sample_details.contents         '10.0 MG/ML, DMSO-d6' 
_pdbx_nmr_sample_details.solvent_system   ? 
# 
_pdbx_nmr_exptl_sample.component             entity-1 
_pdbx_nmr_exptl_sample.concentration         8 
_pdbx_nmr_exptl_sample.concentration_range   ? 
_pdbx_nmr_exptl_sample.concentration_units   mM 
_pdbx_nmr_exptl_sample.isotopic_labeling     ? 
_pdbx_nmr_exptl_sample.solution_id           1 
# 
_pdbx_nmr_exptl_sample_conditions.conditions_id       1 
_pdbx_nmr_exptl_sample_conditions.temperature         295 
_pdbx_nmr_exptl_sample_conditions.pressure_units      ? 
_pdbx_nmr_exptl_sample_conditions.pressure            'AMBIENT ATM' 
_pdbx_nmr_exptl_sample_conditions.pH                  3.7 
_pdbx_nmr_exptl_sample_conditions.ionic_strength      ? 
_pdbx_nmr_exptl_sample_conditions.temperature_units   K 
# 
loop_
_pdbx_nmr_exptl.experiment_id 
_pdbx_nmr_exptl.conditions_id 
_pdbx_nmr_exptl.type 
_pdbx_nmr_exptl.solution_id 
1 1 '2D DQF-COSY'    1 
2 2 '2D 1H-1H TOCSY' 1 
3 3 '2D 1H-1H NOESY' 1 
# 
_pdbx_nmr_refine.entry_id           2MU8 
_pdbx_nmr_refine.method             'DGSA-distance geometry simulated annealing' 
_pdbx_nmr_refine.details            ? 
_pdbx_nmr_refine.software_ordinal   1 
# 
loop_
_pdbx_nmr_software.classification 
_pdbx_nmr_software.name 
_pdbx_nmr_software.version 
_pdbx_nmr_software.authors 
_pdbx_nmr_software.ordinal 
'structure solution' TopSpin      ?  ? 1 
'structure solution' 'Insight II' II ? 2 
refinement           'Insight II' II ? 3 
# 
loop_
_chem_comp_atom.comp_id 
_chem_comp_atom.atom_id 
_chem_comp_atom.type_symbol 
_chem_comp_atom.pdbx_aromatic_flag 
_chem_comp_atom.pdbx_stereo_config 
_chem_comp_atom.pdbx_ordinal 
ALA N    N N N 1   
ALA CA   C N S 2   
ALA C    C N N 3   
ALA O    O N N 4   
ALA CB   C N N 5   
ALA OXT  O N N 6   
ALA H    H N N 7   
ALA H2   H N N 8   
ALA HA   H N N 9   
ALA HB1  H N N 10  
ALA HB2  H N N 11  
ALA HB3  H N N 12  
ALA HXT  H N N 13  
ARG N    N N N 14  
ARG CA   C N S 15  
ARG C    C N N 16  
ARG O    O N N 17  
ARG CB   C N N 18  
ARG CG   C N N 19  
ARG CD   C N N 20  
ARG NE   N N N 21  
ARG CZ   C N N 22  
ARG NH1  N N N 23  
ARG NH2  N N N 24  
ARG OXT  O N N 25  
ARG H    H N N 26  
ARG H2   H N N 27  
ARG HA   H N N 28  
ARG HB2  H N N 29  
ARG HB3  H N N 30  
ARG HG2  H N N 31  
ARG HG3  H N N 32  
ARG HD2  H N N 33  
ARG HD3  H N N 34  
ARG HE   H N N 35  
ARG HH11 H N N 36  
ARG HH12 H N N 37  
ARG HH21 H N N 38  
ARG HH22 H N N 39  
ARG HXT  H N N 40  
ASN N    N N N 41  
ASN CA   C N S 42  
ASN C    C N N 43  
ASN O    O N N 44  
ASN CB   C N N 45  
ASN CG   C N N 46  
ASN OD1  O N N 47  
ASN ND2  N N N 48  
ASN OXT  O N N 49  
ASN H    H N N 50  
ASN H2   H N N 51  
ASN HA   H N N 52  
ASN HB2  H N N 53  
ASN HB3  H N N 54  
ASN HD21 H N N 55  
ASN HD22 H N N 56  
ASN HXT  H N N 57  
GLU N    N N N 58  
GLU CA   C N S 59  
GLU C    C N N 60  
GLU O    O N N 61  
GLU CB   C N N 62  
GLU CG   C N N 63  
GLU CD   C N N 64  
GLU OE1  O N N 65  
GLU OE2  O N N 66  
GLU OXT  O N N 67  
GLU H    H N N 68  
GLU H2   H N N 69  
GLU HA   H N N 70  
GLU HB2  H N N 71  
GLU HB3  H N N 72  
GLU HG2  H N N 73  
GLU HG3  H N N 74  
GLU HE2  H N N 75  
GLU HXT  H N N 76  
ILE N    N N N 77  
ILE CA   C N S 78  
ILE C    C N N 79  
ILE O    O N N 80  
ILE CB   C N S 81  
ILE CG1  C N N 82  
ILE CG2  C N N 83  
ILE CD1  C N N 84  
ILE OXT  O N N 85  
ILE H    H N N 86  
ILE H2   H N N 87  
ILE HA   H N N 88  
ILE HB   H N N 89  
ILE HG12 H N N 90  
ILE HG13 H N N 91  
ILE HG21 H N N 92  
ILE HG22 H N N 93  
ILE HG23 H N N 94  
ILE HD11 H N N 95  
ILE HD12 H N N 96  
ILE HD13 H N N 97  
ILE HXT  H N N 98  
LYS N    N N N 99  
LYS CA   C N S 100 
LYS C    C N N 101 
LYS O    O N N 102 
LYS CB   C N N 103 
LYS CG   C N N 104 
LYS CD   C N N 105 
LYS CE   C N N 106 
LYS NZ   N N N 107 
LYS OXT  O N N 108 
LYS H    H N N 109 
LYS H2   H N N 110 
LYS HA   H N N 111 
LYS HB2  H N N 112 
LYS HB3  H N N 113 
LYS HG2  H N N 114 
LYS HG3  H N N 115 
LYS HD2  H N N 116 
LYS HD3  H N N 117 
LYS HE2  H N N 118 
LYS HE3  H N N 119 
LYS HZ1  H N N 120 
LYS HZ2  H N N 121 
LYS HZ3  H N N 122 
LYS HXT  H N N 123 
MET N    N N N 124 
MET CA   C N S 125 
MET C    C N N 126 
MET O    O N N 127 
MET CB   C N N 128 
MET CG   C N N 129 
MET SD   S N N 130 
MET CE   C N N 131 
MET OXT  O N N 132 
MET H    H N N 133 
MET H2   H N N 134 
MET HA   H N N 135 
MET HB2  H N N 136 
MET HB3  H N N 137 
MET HG2  H N N 138 
MET HG3  H N N 139 
MET HE1  H N N 140 
MET HE2  H N N 141 
MET HE3  H N N 142 
MET HXT  H N N 143 
PHE N    N N N 144 
PHE CA   C N S 145 
PHE C    C N N 146 
PHE O    O N N 147 
PHE CB   C N N 148 
PHE CG   C Y N 149 
PHE CD1  C Y N 150 
PHE CD2  C Y N 151 
PHE CE1  C Y N 152 
PHE CE2  C Y N 153 
PHE CZ   C Y N 154 
PHE OXT  O N N 155 
PHE H    H N N 156 
PHE H2   H N N 157 
PHE HA   H N N 158 
PHE HB2  H N N 159 
PHE HB3  H N N 160 
PHE HD1  H N N 161 
PHE HD2  H N N 162 
PHE HE1  H N N 163 
PHE HE2  H N N 164 
PHE HZ   H N N 165 
PHE HXT  H N N 166 
SER N    N N N 167 
SER CA   C N S 168 
SER C    C N N 169 
SER O    O N N 170 
SER CB   C N N 171 
SER OG   O N N 172 
SER OXT  O N N 173 
SER H    H N N 174 
SER H2   H N N 175 
SER HA   H N N 176 
SER HB2  H N N 177 
SER HB3  H N N 178 
SER HG   H N N 179 
SER HXT  H N N 180 
THR N    N N N 181 
THR CA   C N S 182 
THR C    C N N 183 
THR O    O N N 184 
THR CB   C N R 185 
THR OG1  O N N 186 
THR CG2  C N N 187 
THR OXT  O N N 188 
THR H    H N N 189 
THR H2   H N N 190 
THR HA   H N N 191 
THR HB   H N N 192 
THR HG1  H N N 193 
THR HG21 H N N 194 
THR HG22 H N N 195 
THR HG23 H N N 196 
THR HXT  H N N 197 
TYR N    N N N 198 
TYR CA   C N S 199 
TYR C    C N N 200 
TYR O    O N N 201 
TYR CB   C N N 202 
TYR CG   C Y N 203 
TYR CD1  C Y N 204 
TYR CD2  C Y N 205 
TYR CE1  C Y N 206 
TYR CE2  C Y N 207 
TYR CZ   C Y N 208 
TYR OH   O N N 209 
TYR OXT  O N N 210 
TYR H    H N N 211 
TYR H2   H N N 212 
TYR HA   H N N 213 
TYR HB2  H N N 214 
TYR HB3  H N N 215 
TYR HD1  H N N 216 
TYR HD2  H N N 217 
TYR HE1  H N N 218 
TYR HE2  H N N 219 
TYR HH   H N N 220 
TYR HXT  H N N 221 
# 
loop_
_chem_comp_bond.comp_id 
_chem_comp_bond.atom_id_1 
_chem_comp_bond.atom_id_2 
_chem_comp_bond.value_order 
_chem_comp_bond.pdbx_aromatic_flag 
_chem_comp_bond.pdbx_stereo_config 
_chem_comp_bond.pdbx_ordinal 
ALA N   CA   sing N N 1   
ALA N   H    sing N N 2   
ALA N   H2   sing N N 3   
ALA CA  C    sing N N 4   
ALA CA  CB   sing N N 5   
ALA CA  HA   sing N N 6   
ALA C   O    doub N N 7   
ALA C   OXT  sing N N 8   
ALA CB  HB1  sing N N 9   
ALA CB  HB2  sing N N 10  
ALA CB  HB3  sing N N 11  
ALA OXT HXT  sing N N 12  
ARG N   CA   sing N N 13  
ARG N   H    sing N N 14  
ARG N   H2   sing N N 15  
ARG CA  C    sing N N 16  
ARG CA  CB   sing N N 17  
ARG CA  HA   sing N N 18  
ARG C   O    doub N N 19  
ARG C   OXT  sing N N 20  
ARG CB  CG   sing N N 21  
ARG CB  HB2  sing N N 22  
ARG CB  HB3  sing N N 23  
ARG CG  CD   sing N N 24  
ARG CG  HG2  sing N N 25  
ARG CG  HG3  sing N N 26  
ARG CD  NE   sing N N 27  
ARG CD  HD2  sing N N 28  
ARG CD  HD3  sing N N 29  
ARG NE  CZ   sing N N 30  
ARG NE  HE   sing N N 31  
ARG CZ  NH1  sing N N 32  
ARG CZ  NH2  doub N N 33  
ARG NH1 HH11 sing N N 34  
ARG NH1 HH12 sing N N 35  
ARG NH2 HH21 sing N N 36  
ARG NH2 HH22 sing N N 37  
ARG OXT HXT  sing N N 38  
ASN N   CA   sing N N 39  
ASN N   H    sing N N 40  
ASN N   H2   sing N N 41  
ASN CA  C    sing N N 42  
ASN CA  CB   sing N N 43  
ASN CA  HA   sing N N 44  
ASN C   O    doub N N 45  
ASN C   OXT  sing N N 46  
ASN CB  CG   sing N N 47  
ASN CB  HB2  sing N N 48  
ASN CB  HB3  sing N N 49  
ASN CG  OD1  doub N N 50  
ASN CG  ND2  sing N N 51  
ASN ND2 HD21 sing N N 52  
ASN ND2 HD22 sing N N 53  
ASN OXT HXT  sing N N 54  
GLU N   CA   sing N N 55  
GLU N   H    sing N N 56  
GLU N   H2   sing N N 57  
GLU CA  C    sing N N 58  
GLU CA  CB   sing N N 59  
GLU CA  HA   sing N N 60  
GLU C   O    doub N N 61  
GLU C   OXT  sing N N 62  
GLU CB  CG   sing N N 63  
GLU CB  HB2  sing N N 64  
GLU CB  HB3  sing N N 65  
GLU CG  CD   sing N N 66  
GLU CG  HG2  sing N N 67  
GLU CG  HG3  sing N N 68  
GLU CD  OE1  doub N N 69  
GLU CD  OE2  sing N N 70  
GLU OE2 HE2  sing N N 71  
GLU OXT HXT  sing N N 72  
ILE N   CA   sing N N 73  
ILE N   H    sing N N 74  
ILE N   H2   sing N N 75  
ILE CA  C    sing N N 76  
ILE CA  CB   sing N N 77  
ILE CA  HA   sing N N 78  
ILE C   O    doub N N 79  
ILE C   OXT  sing N N 80  
ILE CB  CG1  sing N N 81  
ILE CB  CG2  sing N N 82  
ILE CB  HB   sing N N 83  
ILE CG1 CD1  sing N N 84  
ILE CG1 HG12 sing N N 85  
ILE CG1 HG13 sing N N 86  
ILE CG2 HG21 sing N N 87  
ILE CG2 HG22 sing N N 88  
ILE CG2 HG23 sing N N 89  
ILE CD1 HD11 sing N N 90  
ILE CD1 HD12 sing N N 91  
ILE CD1 HD13 sing N N 92  
ILE OXT HXT  sing N N 93  
LYS N   CA   sing N N 94  
LYS N   H    sing N N 95  
LYS N   H2   sing N N 96  
LYS CA  C    sing N N 97  
LYS CA  CB   sing N N 98  
LYS CA  HA   sing N N 99  
LYS C   O    doub N N 100 
LYS C   OXT  sing N N 101 
LYS CB  CG   sing N N 102 
LYS CB  HB2  sing N N 103 
LYS CB  HB3  sing N N 104 
LYS CG  CD   sing N N 105 
LYS CG  HG2  sing N N 106 
LYS CG  HG3  sing N N 107 
LYS CD  CE   sing N N 108 
LYS CD  HD2  sing N N 109 
LYS CD  HD3  sing N N 110 
LYS CE  NZ   sing N N 111 
LYS CE  HE2  sing N N 112 
LYS CE  HE3  sing N N 113 
LYS NZ  HZ1  sing N N 114 
LYS NZ  HZ2  sing N N 115 
LYS NZ  HZ3  sing N N 116 
LYS OXT HXT  sing N N 117 
MET N   CA   sing N N 118 
MET N   H    sing N N 119 
MET N   H2   sing N N 120 
MET CA  C    sing N N 121 
MET CA  CB   sing N N 122 
MET CA  HA   sing N N 123 
MET C   O    doub N N 124 
MET C   OXT  sing N N 125 
MET CB  CG   sing N N 126 
MET CB  HB2  sing N N 127 
MET CB  HB3  sing N N 128 
MET CG  SD   sing N N 129 
MET CG  HG2  sing N N 130 
MET CG  HG3  sing N N 131 
MET SD  CE   sing N N 132 
MET CE  HE1  sing N N 133 
MET CE  HE2  sing N N 134 
MET CE  HE3  sing N N 135 
MET OXT HXT  sing N N 136 
PHE N   CA   sing N N 137 
PHE N   H    sing N N 138 
PHE N   H2   sing N N 139 
PHE CA  C    sing N N 140 
PHE CA  CB   sing N N 141 
PHE CA  HA   sing N N 142 
PHE C   O    doub N N 143 
PHE C   OXT  sing N N 144 
PHE CB  CG   sing N N 145 
PHE CB  HB2  sing N N 146 
PHE CB  HB3  sing N N 147 
PHE CG  CD1  doub Y N 148 
PHE CG  CD2  sing Y N 149 
PHE CD1 CE1  sing Y N 150 
PHE CD1 HD1  sing N N 151 
PHE CD2 CE2  doub Y N 152 
PHE CD2 HD2  sing N N 153 
PHE CE1 CZ   doub Y N 154 
PHE CE1 HE1  sing N N 155 
PHE CE2 CZ   sing Y N 156 
PHE CE2 HE2  sing N N 157 
PHE CZ  HZ   sing N N 158 
PHE OXT HXT  sing N N 159 
SER N   CA   sing N N 160 
SER N   H    sing N N 161 
SER N   H2   sing N N 162 
SER CA  C    sing N N 163 
SER CA  CB   sing N N 164 
SER CA  HA   sing N N 165 
SER C   O    doub N N 166 
SER C   OXT  sing N N 167 
SER CB  OG   sing N N 168 
SER CB  HB2  sing N N 169 
SER CB  HB3  sing N N 170 
SER OG  HG   sing N N 171 
SER OXT HXT  sing N N 172 
THR N   CA   sing N N 173 
THR N   H    sing N N 174 
THR N   H2   sing N N 175 
THR CA  C    sing N N 176 
THR CA  CB   sing N N 177 
THR CA  HA   sing N N 178 
THR C   O    doub N N 179 
THR C   OXT  sing N N 180 
THR CB  OG1  sing N N 181 
THR CB  CG2  sing N N 182 
THR CB  HB   sing N N 183 
THR OG1 HG1  sing N N 184 
THR CG2 HG21 sing N N 185 
THR CG2 HG22 sing N N 186 
THR CG2 HG23 sing N N 187 
THR OXT HXT  sing N N 188 
TYR N   CA   sing N N 189 
TYR N   H    sing N N 190 
TYR N   H2   sing N N 191 
TYR CA  C    sing N N 192 
TYR CA  CB   sing N N 193 
TYR CA  HA   sing N N 194 
TYR C   O    doub N N 195 
TYR C   OXT  sing N N 196 
TYR CB  CG   sing N N 197 
TYR CB  HB2  sing N N 198 
TYR CB  HB3  sing N N 199 
TYR CG  CD1  doub Y N 200 
TYR CG  CD2  sing Y N 201 
TYR CD1 CE1  sing Y N 202 
TYR CD1 HD1  sing N N 203 
TYR CD2 CE2  doub Y N 204 
TYR CD2 HD2  sing N N 205 
TYR CE1 CZ   doub Y N 206 
TYR CE1 HE1  sing N N 207 
TYR CE2 CZ   sing Y N 208 
TYR CE2 HE2  sing N N 209 
TYR CZ  OH   sing N N 210 
TYR OH  HH   sing N N 211 
TYR OXT HXT  sing N N 212 
# 
_pdbx_nmr_spectrometer.spectrometer_id   1 
_pdbx_nmr_spectrometer.model             DRX 
_pdbx_nmr_spectrometer.manufacturer      Bruker 
_pdbx_nmr_spectrometer.field_strength    500 
_pdbx_nmr_spectrometer.type              ? 
# 
_atom_sites.entry_id                    2MU8 
_atom_sites.fract_transf_matrix[1][1]   1.000000 
_atom_sites.fract_transf_matrix[1][2]   0.000000 
_atom_sites.fract_transf_matrix[1][3]   0.000000 
_atom_sites.fract_transf_matrix[2][1]   0.000000 
_atom_sites.fract_transf_matrix[2][2]   1.000000 
_atom_sites.fract_transf_matrix[2][3]   0.000000 
_atom_sites.fract_transf_matrix[3][1]   0.000000 
_atom_sites.fract_transf_matrix[3][2]   0.000000 
_atom_sites.fract_transf_matrix[3][3]   1.000000 
_atom_sites.fract_transf_vector[1]      0.00000 
_atom_sites.fract_transf_vector[2]      0.00000 
_atom_sites.fract_transf_vector[3]      0.00000 
# 
loop_
_atom_type.symbol 
C 
H 
N 
O 
S 
# 
loop_
_atom_site.group_PDB 
_atom_site.id 
_atom_site.type_symbol 
_atom_site.label_atom_id 
_atom_site.label_alt_id 
_atom_site.label_comp_id 
_atom_site.label_asym_id 
_atom_site.label_entity_id 
_atom_site.label_seq_id 
_atom_site.pdbx_PDB_ins_code 
_atom_site.Cartn_x 
_atom_site.Cartn_y 
_atom_site.Cartn_z 
_atom_site.occupancy 
_atom_site.B_iso_or_equiv 
_atom_site.pdbx_formal_charge 
_atom_site.auth_seq_id 
_atom_site.auth_comp_id 
_atom_site.auth_asym_id 
_atom_site.auth_atom_id 
_atom_site.pdbx_PDB_model_num 
ATOM 1   N N    . LYS A 1 1  ? 12.913 -7.275  -9.383  1.00 0.00 ? 1  LYS A N    1 
ATOM 2   C CA   . LYS A 1 1  ? 12.567 -6.464  -10.584 1.00 0.00 ? 1  LYS A CA   1 
ATOM 3   C C    . LYS A 1 1  ? 11.093 -5.971  -10.498 1.00 0.00 ? 1  LYS A C    1 
ATOM 4   O O    . LYS A 1 1  ? 10.155 -6.774  -10.526 1.00 0.00 ? 1  LYS A O    1 
ATOM 5   C CB   . LYS A 1 1  ? 12.903 -7.230  -11.897 1.00 0.00 ? 1  LYS A CB   1 
ATOM 6   C CG   . LYS A 1 1  ? 12.204 -8.588  -12.157 1.00 0.00 ? 1  LYS A CG   1 
ATOM 7   C CD   . LYS A 1 1  ? 12.666 -9.263  -13.466 1.00 0.00 ? 1  LYS A CD   1 
ATOM 8   C CE   . LYS A 1 1  ? 12.034 -10.642 -13.742 1.00 0.00 ? 1  LYS A CE   1 
ATOM 9   N NZ   . LYS A 1 1  ? 10.602 -10.571 -14.090 1.00 0.00 ? 1  LYS A NZ   1 
ATOM 10  H H1   . LYS A 1 1  ? 12.855 -8.299  -9.385  1.00 0.00 ? 1  LYS A H1   1 
ATOM 11  H HA   . LYS A 1 1  ? 13.242 -5.583  -10.605 1.00 0.00 ? 1  LYS A HA   1 
ATOM 12  H HB2  . LYS A 1 1  ? 12.693 -6.558  -12.752 1.00 0.00 ? 1  LYS A HB2  1 
ATOM 13  H HB3  . LYS A 1 1  ? 13.998 -7.388  -11.932 1.00 0.00 ? 1  LYS A HB3  1 
ATOM 14  H HG2  . LYS A 1 1  ? 12.394 -9.272  -11.308 1.00 0.00 ? 1  LYS A HG2  1 
ATOM 15  H HG3  . LYS A 1 1  ? 11.109 -8.445  -12.189 1.00 0.00 ? 1  LYS A HG3  1 
ATOM 16  H HD2  . LYS A 1 1  ? 12.485 -8.589  -14.326 1.00 0.00 ? 1  LYS A HD2  1 
ATOM 17  H HD3  . LYS A 1 1  ? 13.764 -9.392  -13.429 1.00 0.00 ? 1  LYS A HD3  1 
ATOM 18  H HE2  . LYS A 1 1  ? 12.573 -11.128 -14.577 1.00 0.00 ? 1  LYS A HE2  1 
ATOM 19  H HE3  . LYS A 1 1  ? 12.170 -11.311 -12.872 1.00 0.00 ? 1  LYS A HE3  1 
ATOM 20  H HZ2  . LYS A 1 1  ? 10.474 -10.011 -14.939 1.00 0.00 ? 1  LYS A HZ2  1 
ATOM 21  H HZ3  . LYS A 1 1  ? 10.249 -11.508 -14.320 1.00 0.00 ? 1  LYS A HZ3  1 
ATOM 22  N N    . ASN A 1 2  ? 10.913 -4.637  -10.367 1.00 0.00 ? 2  ASN A N    1 
ATOM 23  C CA   . ASN A 1 2  ? 9.587  -3.958  -10.264 1.00 0.00 ? 2  ASN A CA   1 
ATOM 24  C C    . ASN A 1 2  ? 8.727  -4.508  -9.079  1.00 0.00 ? 2  ASN A C    1 
ATOM 25  O O    . ASN A 1 2  ? 7.796  -5.294  -9.280  1.00 0.00 ? 2  ASN A O    1 
ATOM 26  C CB   . ASN A 1 2  ? 8.888  -3.927  -11.654 1.00 0.00 ? 2  ASN A CB   1 
ATOM 27  C CG   . ASN A 1 2  ? 7.637  -3.031  -11.741 1.00 0.00 ? 2  ASN A CG   1 
ATOM 28  O OD1  . ASN A 1 2  ? 7.731  -1.805  -11.784 1.00 0.00 ? 2  ASN A OD1  1 
ATOM 29  N ND2  . ASN A 1 2  ? 6.449  -3.617  -11.770 1.00 0.00 ? 2  ASN A ND2  1 
ATOM 30  H H    . ASN A 1 2  ? 11.771 -4.087  -10.457 1.00 0.00 ? 2  ASN A H    1 
ATOM 31  H HA   . ASN A 1 2  ? 9.819  -2.901  -10.028 1.00 0.00 ? 2  ASN A HA   1 
ATOM 32  H HB2  . ASN A 1 2  ? 9.604  -3.551  -12.412 1.00 0.00 ? 2  ASN A HB2  1 
ATOM 33  H HB3  . ASN A 1 2  ? 8.672  -4.963  -11.975 1.00 0.00 ? 2  ASN A HB3  1 
ATOM 34  H HD21 . ASN A 1 2  ? 6.442  -4.642  -11.723 1.00 0.00 ? 2  ASN A HD21 1 
ATOM 35  H HD22 . ASN A 1 2  ? 5.633  -2.998  -11.820 1.00 0.00 ? 2  ASN A HD22 1 
ATOM 36  N N    . GLU A 1 3  ? 9.066  -4.080  -7.848  1.00 0.00 ? 3  GLU A N    1 
ATOM 37  C CA   . GLU A 1 3  ? 8.367  -4.501  -6.615  1.00 0.00 ? 3  GLU A CA   1 
ATOM 38  C C    . GLU A 1 3  ? 7.252  -3.480  -6.260  1.00 0.00 ? 3  GLU A C    1 
ATOM 39  O O    . GLU A 1 3  ? 7.525  -2.303  -5.999  1.00 0.00 ? 3  GLU A O    1 
ATOM 40  C CB   . GLU A 1 3  ? 9.411  -4.630  -5.476  1.00 0.00 ? 3  GLU A CB   1 
ATOM 41  C CG   . GLU A 1 3  ? 10.407 -5.804  -5.630  1.00 0.00 ? 3  GLU A CG   1 
ATOM 42  C CD   . GLU A 1 3  ? 11.411 -5.892  -4.479  1.00 0.00 ? 3  GLU A CD   1 
ATOM 43  O OE1  . GLU A 1 3  ? 11.217 -6.553  -3.460  1.00 0.00 ? 3  GLU A OE1  1 
ATOM 44  O OE2  . GLU A 1 3  ? 12.542 -5.155  -4.721  1.00 0.00 ? 3  GLU A OE2  1 
ATOM 45  H H    . GLU A 1 3  ? 9.908  -3.502  -7.781  1.00 0.00 ? 3  GLU A H    1 
ATOM 46  H HA   . GLU A 1 3  ? 7.929  -5.511  -6.754  1.00 0.00 ? 3  GLU A HA   1 
ATOM 47  H HB2  . GLU A 1 3  ? 9.962  -3.679  -5.327  1.00 0.00 ? 3  GLU A HB2  1 
ATOM 48  H HB3  . GLU A 1 3  ? 8.856  -4.771  -4.542  1.00 0.00 ? 3  GLU A HB3  1 
ATOM 49  H HG2  . GLU A 1 3  ? 9.852  -6.759  -5.697  1.00 0.00 ? 3  GLU A HG2  1 
ATOM 50  H HG3  . GLU A 1 3  ? 10.956 -5.718  -6.586  1.00 0.00 ? 3  GLU A HG3  1 
ATOM 51  H HE2  . GLU A 1 3  ? 12.508 -4.711  -5.570  1.00 0.00 ? 3  GLU A HE2  1 
ATOM 52  N N    . SER A 1 4  ? 5.997  -3.962  -6.247  1.00 0.00 ? 4  SER A N    1 
ATOM 53  C CA   . SER A 1 4  ? 4.811  -3.133  -5.906  1.00 0.00 ? 4  SER A CA   1 
ATOM 54  C C    . SER A 1 4  ? 4.588  -3.138  -4.369  1.00 0.00 ? 4  SER A C    1 
ATOM 55  O O    . SER A 1 4  ? 4.430  -4.197  -3.753  1.00 0.00 ? 4  SER A O    1 
ATOM 56  C CB   . SER A 1 4  ? 3.564  -3.662  -6.651  1.00 0.00 ? 4  SER A CB   1 
ATOM 57  O OG   . SER A 1 4  ? 3.699  -3.489  -8.058  1.00 0.00 ? 4  SER A OG   1 
ATOM 58  H H    . SER A 1 4  ? 5.920  -4.964  -6.454  1.00 0.00 ? 4  SER A H    1 
ATOM 59  H HA   . SER A 1 4  ? 4.973  -2.097  -6.268  1.00 0.00 ? 4  SER A HA   1 
ATOM 60  H HB2  . SER A 1 4  ? 3.376  -4.728  -6.424  1.00 0.00 ? 4  SER A HB2  1 
ATOM 61  H HB3  . SER A 1 4  ? 2.659  -3.118  -6.323  1.00 0.00 ? 4  SER A HB3  1 
ATOM 62  H HG   . SER A 1 4  ? 3.812  -2.548  -8.199  1.00 0.00 ? 4  SER A HG   1 
ATOM 63  N N    . LYS A 1 5  ? 4.599  -1.936  -3.766  1.00 0.00 ? 5  LYS A N    1 
ATOM 64  C CA   . LYS A 1 5  ? 4.388  -1.726  -2.333  1.00 0.00 ? 5  LYS A CA   1 
ATOM 65  C C    . LYS A 1 5  ? 3.180  -0.755  -2.244  1.00 0.00 ? 5  LYS A C    1 
ATOM 66  O O    . LYS A 1 5  ? 3.288  0.468   -2.398  1.00 0.00 ? 5  LYS A O    1 
ATOM 67  C CB   . LYS A 1 5  ? 5.653  -1.112  -1.707  1.00 0.00 ? 5  LYS A CB   1 
ATOM 68  C CG   . LYS A 1 5  ? 6.892  -2.028  -1.539  1.00 0.00 ? 5  LYS A CG   1 
ATOM 69  C CD   . LYS A 1 5  ? 6.729  -3.295  -0.670  1.00 0.00 ? 5  LYS A CD   1 
ATOM 70  C CE   . LYS A 1 5  ? 6.412  -3.021  0.814   1.00 0.00 ? 5  LYS A CE   1 
ATOM 71  N NZ   . LYS A 1 5  ? 6.311  -4.273  1.584   1.00 0.00 ? 5  LYS A NZ   1 
ATOM 72  H H    . LYS A 1 5  ? 4.506  -1.099  -4.330  1.00 0.00 ? 5  LYS A H    1 
ATOM 73  H HA   . LYS A 1 5  ? 4.163  -2.675  -1.802  1.00 0.00 ? 5  LYS A HA   1 
ATOM 74  H HB2  . LYS A 1 5  ? 5.964  -0.206  -2.266  1.00 0.00 ? 5  LYS A HB2  1 
ATOM 75  H HB3  . LYS A 1 5  ? 5.324  -0.741  -0.735  1.00 0.00 ? 5  LYS A HB3  1 
ATOM 76  H HG2  . LYS A 1 5  ? 7.242  -2.336  -2.541  1.00 0.00 ? 5  LYS A HG2  1 
ATOM 77  H HG3  . LYS A 1 5  ? 7.723  -1.422  -1.129  1.00 0.00 ? 5  LYS A HG3  1 
ATOM 78  H HD2  . LYS A 1 5  ? 5.956  -3.951  -1.112  1.00 0.00 ? 5  LYS A HD2  1 
ATOM 79  H HD3  . LYS A 1 5  ? 7.669  -3.876  -0.738  1.00 0.00 ? 5  LYS A HD3  1 
ATOM 80  H HE2  . LYS A 1 5  ? 7.195  -2.382  1.263   1.00 0.00 ? 5  LYS A HE2  1 
ATOM 81  H HE3  . LYS A 1 5  ? 5.462  -2.465  0.912   1.00 0.00 ? 5  LYS A HE3  1 
ATOM 82  H HZ2  . LYS A 1 5  ? 6.053  -4.067  2.556   1.00 0.00 ? 5  LYS A HZ2  1 
ATOM 83  H HZ3  . LYS A 1 5  ? 5.551  -4.854  1.213   1.00 0.00 ? 5  LYS A HZ3  1 
ATOM 84  N N    . TYR A 1 6  ? 2.027  -1.381  -2.028  1.00 0.00 ? 6  TYR A N    1 
ATOM 85  C CA   . TYR A 1 6  ? 0.722  -0.686  -1.863  1.00 0.00 ? 6  TYR A CA   1 
ATOM 86  C C    . TYR A 1 6  ? -0.086 -1.415  -0.753  1.00 0.00 ? 6  TYR A C    1 
ATOM 87  O O    . TYR A 1 6  ? -1.060 -2.131  -1.017  1.00 0.00 ? 6  TYR A O    1 
ATOM 88  C CB   . TYR A 1 6  ? -0.075 -0.570  -3.201  1.00 0.00 ? 6  TYR A CB   1 
ATOM 89  C CG   . TYR A 1 6  ? 0.572  0.283   -4.310  1.00 0.00 ? 6  TYR A CG   1 
ATOM 90  C CD1  . TYR A 1 6  ? 0.433  1.675   -4.313  1.00 0.00 ? 6  TYR A CD1  1 
ATOM 91  C CD2  . TYR A 1 6  ? 1.324  -0.332  -5.318  1.00 0.00 ? 6  TYR A CD2  1 
ATOM 92  C CE1  . TYR A 1 6  ? 1.042  2.441   -5.305  1.00 0.00 ? 6  TYR A CE1  1 
ATOM 93  C CE2  . TYR A 1 6  ? 1.936  0.434   -6.307  1.00 0.00 ? 6  TYR A CE2  1 
ATOM 94  C CZ   . TYR A 1 6  ? 1.793  1.821   -6.301  1.00 0.00 ? 6  TYR A CZ   1 
ATOM 95  O OH   . TYR A 1 6  ? 2.391  2.575   -7.280  1.00 0.00 ? 6  TYR A OH   1 
ATOM 96  H H    . TYR A 1 6  ? 2.230  -2.330  -1.718  1.00 0.00 ? 6  TYR A H    1 
ATOM 97  H HA   . TYR A 1 6  ? 0.899  0.344   -1.495  1.00 0.00 ? 6  TYR A HA   1 
ATOM 98  H HB2  . TYR A 1 6  ? -0.298 -1.583  -3.588  1.00 0.00 ? 6  TYR A HB2  1 
ATOM 99  H HB3  . TYR A 1 6  ? -1.075 -0.147  -2.982  1.00 0.00 ? 6  TYR A HB3  1 
ATOM 100 H HD1  . TYR A 1 6  ? -0.146 2.171   -3.547  1.00 0.00 ? 6  TYR A HD1  1 
ATOM 101 H HD2  . TYR A 1 6  ? 1.449  -1.405  -5.329  1.00 0.00 ? 6  TYR A HD2  1 
ATOM 102 H HE1  . TYR A 1 6  ? 0.929  3.515   -5.299  1.00 0.00 ? 6  TYR A HE1  1 
ATOM 103 H HE2  . TYR A 1 6  ? 2.520  -0.050  -7.076  1.00 0.00 ? 6  TYR A HE2  1 
ATOM 104 H HH   . TYR A 1 6  ? 2.181  3.499   -7.135  1.00 0.00 ? 6  TYR A HH   1 
ATOM 105 N N    . SER A 1 7  ? 0.384  -1.238  0.504   1.00 0.00 ? 7  SER A N    1 
ATOM 106 C CA   . SER A 1 7  ? -0.246 -1.797  1.738   1.00 0.00 ? 7  SER A CA   1 
ATOM 107 C C    . SER A 1 7  ? -0.589 -3.309  1.655   1.00 0.00 ? 7  SER A C    1 
ATOM 108 O O    . SER A 1 7  ? -1.746 -3.712  1.783   1.00 0.00 ? 7  SER A O    1 
ATOM 109 C CB   . SER A 1 7  ? -1.419 -0.898  2.210   1.00 0.00 ? 7  SER A CB   1 
ATOM 110 O OG   . SER A 1 7  ? -2.518 -0.913  1.303   1.00 0.00 ? 7  SER A OG   1 
ATOM 111 H H    . SER A 1 7  ? 1.410  -1.192  0.460   1.00 0.00 ? 7  SER A H    1 
ATOM 112 H HA   . SER A 1 7  ? 0.523  -1.708  2.529   1.00 0.00 ? 7  SER A HA   1 
ATOM 113 H HB2  . SER A 1 7  ? -1.773 -1.229  3.204   1.00 0.00 ? 7  SER A HB2  1 
ATOM 114 H HB3  . SER A 1 7  ? -1.082 0.145   2.353   1.00 0.00 ? 7  SER A HB3  1 
ATOM 115 H HG   . SER A 1 7  ? -3.193 -0.353  1.696   1.00 0.00 ? 7  SER A HG   1 
ATOM 116 N N    . ASN A 1 8  ? 0.448  -4.132  1.396   1.00 0.00 ? 8  ASN A N    1 
ATOM 117 C CA   . ASN A 1 8  ? 0.367  -5.607  1.262   1.00 0.00 ? 8  ASN A CA   1 
ATOM 118 C C    . ASN A 1 8  ? -0.766 -6.149  0.358   1.00 0.00 ? 8  ASN A C    1 
ATOM 119 O O    . ASN A 1 8  ? -1.499 -7.092  0.670   1.00 0.00 ? 8  ASN A O    1 
ATOM 120 C CB   . ASN A 1 8  ? 0.529  -6.181  2.687   1.00 0.00 ? 8  ASN A CB   1 
ATOM 121 C CG   . ASN A 1 8  ? 1.065  -7.618  2.753   1.00 0.00 ? 8  ASN A CG   1 
ATOM 122 O OD1  . ASN A 1 8  ? 0.356  -8.570  3.075   1.00 0.00 ? 8  ASN A OD1  1 
ATOM 123 N ND2  . ASN A 1 8  ? 2.343  -7.771  2.439   1.00 0.00 ? 8  ASN A ND2  1 
ATOM 124 H H    . ASN A 1 8  ? 1.355  -3.703  1.259   1.00 0.00 ? 8  ASN A H    1 
ATOM 125 H HA   . ASN A 1 8  ? 1.260  -5.901  0.674   1.00 0.00 ? 8  ASN A HA   1 
ATOM 126 H HB2  . ASN A 1 8  ? 1.238  -5.523  3.237   1.00 0.00 ? 8  ASN A HB2  1 
ATOM 127 H HB3  . ASN A 1 8  ? -0.425 -6.091  3.233   1.00 0.00 ? 8  ASN A HB3  1 
ATOM 128 H HD21 . ASN A 1 8  ? 2.791  -6.907  2.097   1.00 0.00 ? 8  ASN A HD21 1 
ATOM 129 H HD22 . ASN A 1 8  ? 2.718  -8.726  2.427   1.00 0.00 ? 8  ASN A HD22 1 
ATOM 130 N N    . THR A 1 9  ? -0.803 -5.489  -0.812  1.00 0.00 ? 9  THR A N    1 
ATOM 131 C CA   . THR A 1 9  ? -1.728 -5.771  -1.933  1.00 0.00 ? 9  THR A CA   1 
ATOM 132 C C    . THR A 1 9  ? -3.244 -5.623  -1.564  1.00 0.00 ? 9  THR A C    1 
ATOM 133 O O    . THR A 1 9  ? -4.084 -6.485  -1.833  1.00 0.00 ? 9  THR A O    1 
ATOM 134 C CB   . THR A 1 9  ? -1.228 -7.084  -2.610  1.00 0.00 ? 9  THR A CB   1 
ATOM 135 O OG1  . THR A 1 9  ? 0.150  -6.976  -2.972  1.00 0.00 ? 9  THR A OG1  1 
ATOM 136 C CG2  . THR A 1 9  ? -1.954 -7.488  -3.887  1.00 0.00 ? 9  THR A CG2  1 
ATOM 137 H H    . THR A 1 9  ? -0.276 -4.605  -0.742  1.00 0.00 ? 9  THR A H    1 
ATOM 138 H HA   . THR A 1 9  ? -1.558 -4.951  -2.652  1.00 0.00 ? 9  THR A HA   1 
ATOM 139 H HB   . THR A 1 9  ? -1.314 -7.895  -1.869  1.00 0.00 ? 9  THR A HB   1 
ATOM 140 H HG1  . THR A 1 9  ? 0.197  -6.277  -3.629  1.00 0.00 ? 9  THR A HG1  1 
ATOM 141 H HG21 . THR A 1 9  ? -1.902 -6.676  -4.634  1.00 0.00 ? 9  THR A HG21 1 
ATOM 142 H HG22 . THR A 1 9  ? -3.011 -7.727  -3.693  1.00 0.00 ? 9  THR A HG22 1 
ATOM 143 H HG23 . THR A 1 9  ? -1.482 -8.387  -4.320  1.00 0.00 ? 9  THR A HG23 1 
ATOM 144 N N    . PHE A 1 10 ? -3.548 -4.466  -0.953  1.00 0.00 ? 10 PHE A N    1 
ATOM 145 C CA   . PHE A 1 10 ? -4.913 -4.035  -0.533  1.00 0.00 ? 10 PHE A CA   1 
ATOM 146 C C    . PHE A 1 10 ? -5.350 -2.579  -0.933  1.00 0.00 ? 10 PHE A C    1 
ATOM 147 O O    . PHE A 1 10 ? -6.435 -2.104  -0.586  1.00 0.00 ? 10 PHE A O    1 
ATOM 148 C CB   . PHE A 1 10 ? -4.979 -4.193  1.000   1.00 0.00 ? 10 PHE A CB   1 
ATOM 149 C CG   . PHE A 1 10 ? -4.802 -5.596  1.635   1.00 0.00 ? 10 PHE A CG   1 
ATOM 150 C CD1  . PHE A 1 10 ? -5.480 -6.712  1.128   1.00 0.00 ? 10 PHE A CD1  1 
ATOM 151 C CD2  . PHE A 1 10 ? -3.938 -5.763  2.723   1.00 0.00 ? 10 PHE A CD2  1 
ATOM 152 C CE1  . PHE A 1 10 ? -5.257 -7.977  1.668   1.00 0.00 ? 10 PHE A CE1  1 
ATOM 153 C CE2  . PHE A 1 10 ? -3.717 -7.028  3.263   1.00 0.00 ? 10 PHE A CE2  1 
ATOM 154 C CZ   . PHE A 1 10 ? -4.374 -8.134  2.731   1.00 0.00 ? 10 PHE A CZ   1 
ATOM 155 H H    . PHE A 1 10 ? -2.741 -3.981  -0.553  1.00 0.00 ? 10 PHE A H    1 
ATOM 156 H HA   . PHE A 1 10 ? -5.651 -4.648  -1.056  1.00 0.00 ? 10 PHE A HA   1 
ATOM 157 H HB2  . PHE A 1 10 ? -4.232 -3.466  1.379   1.00 0.00 ? 10 PHE A HB2  1 
ATOM 158 H HB3  . PHE A 1 10 ? -5.948 -3.810  1.324   1.00 0.00 ? 10 PHE A HB3  1 
ATOM 159 H HD1  . PHE A 1 10 ? -6.162 -6.611  0.297   1.00 0.00 ? 10 PHE A HD1  1 
ATOM 160 H HD2  . PHE A 1 10 ? -3.428 -4.919  3.159   1.00 0.00 ? 10 PHE A HD2  1 
ATOM 161 H HE1  . PHE A 1 10 ? -5.770 -8.836  1.259   1.00 0.00 ? 10 PHE A HE1  1 
ATOM 162 H HE2  . PHE A 1 10 ? -3.037 -7.150  4.094   1.00 0.00 ? 10 PHE A HE2  1 
ATOM 163 H HZ   . PHE A 1 10 ? -4.201 -9.115  3.148   1.00 0.00 ? 10 PHE A HZ   1 
ATOM 164 N N    . ILE A 1 11 ? -4.468 -1.937  -1.695  1.00 0.00 ? 11 ILE A N    1 
ATOM 165 C CA   . ILE A 1 11 ? -4.559 -0.588  -2.304  1.00 0.00 ? 11 ILE A CA   1 
ATOM 166 C C    . ILE A 1 11 ? -4.969 0.590   -1.348  1.00 0.00 ? 11 ILE A C    1 
ATOM 167 O O    . ILE A 1 11 ? -5.335 0.432   -0.180  1.00 0.00 ? 11 ILE A O    1 
ATOM 168 C CB   . ILE A 1 11 ? -5.243 -0.843  -3.706  1.00 0.00 ? 11 ILE A CB   1 
ATOM 169 C CG1  . ILE A 1 11 ? -4.306 -1.533  -4.758  1.00 0.00 ? 11 ILE A CG1  1 
ATOM 170 C CG2  . ILE A 1 11 ? -5.867 0.380   -4.420  1.00 0.00 ? 11 ILE A CG2  1 
ATOM 171 C CD1  . ILE A 1 11 ? -3.703 -2.922  -4.482  1.00 0.00 ? 11 ILE A CD1  1 
ATOM 172 H H    . ILE A 1 11 ? -4.104 -2.719  -2.245  1.00 0.00 ? 11 ILE A H    1 
ATOM 173 H HA   . ILE A 1 11 ? -3.508 -0.337  -2.553  1.00 0.00 ? 11 ILE A HA   1 
ATOM 174 H HB   . ILE A 1 11 ? -6.088 -1.517  -3.515  1.00 0.00 ? 11 ILE A HB   1 
ATOM 175 H HG12 . ILE A 1 11 ? -4.892 -1.687  -5.669  1.00 0.00 ? 11 ILE A HG12 1 
ATOM 176 H HG13 . ILE A 1 11 ? -3.484 -0.842  -5.027  1.00 0.00 ? 11 ILE A HG13 1 
ATOM 177 H HG21 . ILE A 1 11 ? -5.111 1.149   -4.668  1.00 0.00 ? 11 ILE A HG21 1 
ATOM 178 H HG22 . ILE A 1 11 ? -6.370 0.100   -5.364  1.00 0.00 ? 11 ILE A HG22 1 
ATOM 179 H HG23 . ILE A 1 11 ? -6.641 0.860   -3.800  1.00 0.00 ? 11 ILE A HG23 1 
ATOM 180 H HD11 . ILE A 1 11 ? -4.474 -3.646  -4.156  1.00 0.00 ? 11 ILE A HD11 1 
ATOM 181 H HD12 . ILE A 1 11 ? -3.230 -3.337  -5.390  1.00 0.00 ? 11 ILE A HD12 1 
ATOM 182 H HD13 . ILE A 1 11 ? -2.917 -2.890  -3.704  1.00 0.00 ? 11 ILE A HD13 1 
ATOM 183 N N    . ASN A 1 12 ? -4.813 1.800   -1.903  1.00 0.00 ? 12 ASN A N    1 
ATOM 184 C CA   . ASN A 1 12 ? -5.098 3.124   -1.258  1.00 0.00 ? 12 ASN A CA   1 
ATOM 185 C C    . ASN A 1 12 ? -4.005 3.499   -0.201  1.00 0.00 ? 12 ASN A C    1 
ATOM 186 O O    . ASN A 1 12 ? -4.292 3.972   0.903   1.00 0.00 ? 12 ASN A O    1 
ATOM 187 C CB   . ASN A 1 12 ? -6.556 3.315   -0.731  1.00 0.00 ? 12 ASN A CB   1 
ATOM 188 C CG   . ASN A 1 12 ? -7.671 3.291   -1.794  1.00 0.00 ? 12 ASN A CG   1 
ATOM 189 O OD1  . ASN A 1 12 ? -8.010 4.311   -2.392  1.00 0.00 ? 12 ASN A OD1  1 
ATOM 190 N ND2  . ASN A 1 12 ? -8.266 2.135   -2.034  1.00 0.00 ? 12 ASN A ND2  1 
ATOM 191 H H    . ASN A 1 12 ? -4.553 1.717   -2.891  1.00 0.00 ? 12 ASN A H    1 
ATOM 192 H HA   . ASN A 1 12 ? -4.948 3.863   -2.065  1.00 0.00 ? 12 ASN A HA   1 
ATOM 193 H HB2  . ASN A 1 12 ? -6.772 2.591   0.078   1.00 0.00 ? 12 ASN A HB2  1 
ATOM 194 H HB3  . ASN A 1 12 ? -6.627 4.299   -0.228  1.00 0.00 ? 12 ASN A HB3  1 
ATOM 195 H HD21 . ASN A 1 12 ? -7.824 1.311   -1.609  1.00 0.00 ? 12 ASN A HD21 1 
ATOM 196 H HD22 . ASN A 1 12 ? -8.990 2.135   -2.762  1.00 0.00 ? 12 ASN A HD22 1 
ATOM 197 N N    . ASN A 1 13 ? -2.735 3.354   -0.626  1.00 0.00 ? 13 ASN A N    1 
ATOM 198 C CA   . ASN A 1 13 ? -1.539 3.627   0.175   1.00 0.00 ? 13 ASN A CA   1 
ATOM 199 C C    . ASN A 1 13 ? -1.046 5.093   0.020   1.00 0.00 ? 13 ASN A C    1 
ATOM 200 O O    . ASN A 1 13 ? -0.272 5.396   -0.895  1.00 0.00 ? 13 ASN A O    1 
ATOM 201 C CB   . ASN A 1 13 ? -0.478 2.549   -0.193  1.00 0.00 ? 13 ASN A CB   1 
ATOM 202 C CG   . ASN A 1 13 ? 0.761  2.508   0.723   1.00 0.00 ? 13 ASN A CG   1 
ATOM 203 O OD1  . ASN A 1 13 ? 0.691  2.082   1.876   1.00 0.00 ? 13 ASN A OD1  1 
ATOM 204 N ND2  . ASN A 1 13 ? 1.913  2.940   0.232   1.00 0.00 ? 13 ASN A ND2  1 
ATOM 205 H H    . ASN A 1 13 ? -2.680 2.749   -1.433  1.00 0.00 ? 13 ASN A H    1 
ATOM 206 H HA   . ASN A 1 13 ? -1.838 3.405   1.197   1.00 0.00 ? 13 ASN A HA   1 
ATOM 207 H HB2  . ASN A 1 13 ? -0.936 1.542   -0.138  1.00 0.00 ? 13 ASN A HB2  1 
ATOM 208 H HB3  . ASN A 1 13 ? -0.181 2.657   -1.254  1.00 0.00 ? 13 ASN A HB3  1 
ATOM 209 H HD21 . ASN A 1 13 ? 1.893  3.307   -0.725  1.00 0.00 ? 13 ASN A HD21 1 
ATOM 210 H HD22 . ASN A 1 13 ? 2.718  2.921   0.867   1.00 0.00 ? 13 ASN A HD22 1 
ATOM 211 N N    . ALA A 1 14 ? -1.528 5.983   0.908   1.00 0.00 ? 14 ALA A N    1 
ATOM 212 C CA   . ALA A 1 14 ? -1.142 7.413   0.957   1.00 0.00 ? 14 ALA A CA   1 
ATOM 213 C C    . ALA A 1 14 ? -1.858 8.099   2.160   1.00 0.00 ? 14 ALA A C    1 
ATOM 214 O O    . ALA A 1 14 ? -2.732 8.954   1.981   1.00 0.00 ? 14 ALA A O    1 
ATOM 215 C CB   . ALA A 1 14 ? -1.367 8.196   -0.364  1.00 0.00 ? 14 ALA A CB   1 
ATOM 216 H H    . ALA A 1 14 ? -1.906 5.567   1.758   1.00 0.00 ? 14 ALA A H    1 
ATOM 217 H HA   . ALA A 1 14 ? -0.066 7.406   1.180   1.00 0.00 ? 14 ALA A HA   1 
ATOM 218 H HB1  . ALA A 1 14 ? -2.421 8.155   -0.696  1.00 0.00 ? 14 ALA A HB1  1 
ATOM 219 H HB2  . ALA A 1 14 ? -0.746 7.814   -1.194  1.00 0.00 ? 14 ALA A HB2  1 
ATOM 220 H HB3  . ALA A 1 14 ? -1.101 9.264   -0.251  1.00 0.00 ? 14 ALA A HB3  1 
ATOM 221 N N    . TYR A 1 15 ? -1.476 7.724   3.407   1.00 0.00 ? 15 TYR A N    1 
ATOM 222 C CA   . TYR A 1 15 ? -2.017 8.251   4.684   1.00 0.00 ? 15 TYR A CA   1 
ATOM 223 C C    . TYR A 1 15 ? -3.567 8.203   4.774   1.00 0.00 ? 15 TYR A C    1 
ATOM 224 O O    . TYR A 1 15 ? -4.263 9.213   4.915   1.00 0.00 ? 15 TYR A O    1 
ATOM 225 C CB   . TYR A 1 15 ? -1.272 9.570   4.975   1.00 0.00 ? 15 TYR A CB   1 
ATOM 226 C CG   . TYR A 1 15 ? -1.361 10.075  6.425   1.00 0.00 ? 15 TYR A CG   1 
ATOM 227 C CD1  . TYR A 1 15 ? -0.538 9.523   7.414   1.00 0.00 ? 15 TYR A CD1  1 
ATOM 228 C CD2  . TYR A 1 15 ? -2.256 11.093  6.771   1.00 0.00 ? 15 TYR A CD2  1 
ATOM 229 C CE1  . TYR A 1 15 ? -0.612 9.980   8.728   1.00 0.00 ? 15 TYR A CE1  1 
ATOM 230 C CE2  . TYR A 1 15 ? -2.330 11.550  8.085   1.00 0.00 ? 15 TYR A CE2  1 
ATOM 231 C CZ   . TYR A 1 15 ? -1.507 10.994  9.064   1.00 0.00 ? 15 TYR A CZ   1 
ATOM 232 O OH   . TYR A 1 15 ? -1.577 11.445  10.358  1.00 0.00 ? 15 TYR A OH   1 
ATOM 233 H H    . TYR A 1 15 ? -0.809 6.972   3.513   1.00 0.00 ? 15 TYR A H    1 
ATOM 234 H HA   . TYR A 1 15 ? -1.656 7.543   5.459   1.00 0.00 ? 15 TYR A HA   1 
ATOM 235 H HB2  . TYR A 1 15 ? -0.206 9.359   4.730   1.00 0.00 ? 15 TYR A HB2  1 
ATOM 236 H HB3  . TYR A 1 15 ? -1.598 10.348  4.257   1.00 0.00 ? 15 TYR A HB3  1 
ATOM 237 H HD1  . TYR A 1 15 ? 0.161  8.734   7.170   1.00 0.00 ? 15 TYR A HD1  1 
ATOM 238 H HD2  . TYR A 1 15 ? -2.901 11.534  6.024   1.00 0.00 ? 15 TYR A HD2  1 
ATOM 239 H HE1  . TYR A 1 15 ? 0.027  9.546   9.484   1.00 0.00 ? 15 TYR A HE1  1 
ATOM 240 H HE2  . TYR A 1 15 ? -3.025 12.336  8.343   1.00 0.00 ? 15 TYR A HE2  1 
ATOM 241 H HH   . TYR A 1 15 ? -0.939 10.965  10.891  1.00 0.00 ? 15 TYR A HH   1 
ATOM 242 N N    . ASN A 1 16 ? -4.043 6.953   4.668   1.00 0.00 ? 16 ASN A N    1 
ATOM 243 C CA   . ASN A 1 16 ? -5.487 6.596   4.715   1.00 0.00 ? 16 ASN A CA   1 
ATOM 244 C C    . ASN A 1 16 ? -5.940 5.964   6.069   1.00 0.00 ? 16 ASN A C    1 
ATOM 245 O O    . ASN A 1 16 ? -6.716 5.006   6.138   1.00 0.00 ? 16 ASN A O    1 
ATOM 246 C CB   . ASN A 1 16 ? -5.752 5.723   3.456   1.00 0.00 ? 16 ASN A CB   1 
ATOM 247 C CG   . ASN A 1 16 ? -7.207 5.757   2.960   1.00 0.00 ? 16 ASN A CG   1 
ATOM 248 O OD1  . ASN A 1 16 ? -7.972 4.811   3.147   1.00 0.00 ? 16 ASN A OD1  1 
ATOM 249 N ND2  . ASN A 1 16 ? -7.623 6.855   2.344   1.00 0.00 ? 16 ASN A ND2  1 
ATOM 250 H H    . ASN A 1 16 ? -3.287 6.276   4.542   1.00 0.00 ? 16 ASN A H    1 
ATOM 251 H HA   . ASN A 1 16 ? -6.079 7.524   4.633   1.00 0.00 ? 16 ASN A HA   1 
ATOM 252 H HB2  . ASN A 1 16 ? -5.072 6.018   2.631   1.00 0.00 ? 16 ASN A HB2  1 
ATOM 253 H HB3  . ASN A 1 16 ? -5.470 4.674   3.656   1.00 0.00 ? 16 ASN A HB3  1 
ATOM 254 H HD21 . ASN A 1 16 ? -6.941 7.618   2.266   1.00 0.00 ? 16 ASN A HD21 1 
ATOM 255 H HD22 . ASN A 1 16 ? -8.634 6.935   2.215   1.00 0.00 ? 16 ASN A HD22 1 
ATOM 256 N N    . MET A 1 17 ? -5.449 6.611   7.137   1.00 0.00 ? 17 MET A N    1 
ATOM 257 C CA   . MET A 1 17 ? -5.714 6.305   8.568   1.00 0.00 ? 17 MET A CA   1 
ATOM 258 C C    . MET A 1 17 ? -5.285 4.860   8.963   1.00 0.00 ? 17 MET A C    1 
ATOM 259 O O    . MET A 1 17 ? -6.115 3.995   9.263   1.00 0.00 ? 17 MET A O    1 
ATOM 260 C CB   . MET A 1 17 ? -7.167 6.736   8.907   1.00 0.00 ? 17 MET A CB   1 
ATOM 261 C CG   . MET A 1 17 ? -7.591 6.623   10.381  1.00 0.00 ? 17 MET A CG   1 
ATOM 262 S SD   . MET A 1 17 ? -6.493 7.611   11.420  1.00 0.00 ? 17 MET A SD   1 
ATOM 263 C CE   . MET A 1 17 ? -7.146 7.228   13.057  1.00 0.00 ? 17 MET A CE   1 
ATOM 264 H H    . MET A 1 17 ? -4.619 7.101   6.798   1.00 0.00 ? 17 MET A H    1 
ATOM 265 H HA   . MET A 1 17 ? -5.056 6.985   9.145   1.00 0.00 ? 17 MET A HA   1 
ATOM 266 H HB2  . MET A 1 17 ? -7.331 7.788   8.596   1.00 0.00 ? 17 MET A HB2  1 
ATOM 267 H HB3  . MET A 1 17 ? -7.839 6.151   8.262   1.00 0.00 ? 17 MET A HB3  1 
ATOM 268 H HG2  . MET A 1 17 ? -8.630 6.979   10.505  1.00 0.00 ? 17 MET A HG2  1 
ATOM 269 H HG3  . MET A 1 17 ? -7.580 5.571   10.721  1.00 0.00 ? 17 MET A HG3  1 
ATOM 270 H HE1  . MET A 1 17 ? -6.577 7.768   13.836  1.00 0.00 ? 17 MET A HE1  1 
ATOM 271 H HE2  . MET A 1 17 ? -7.073 6.146   13.268  1.00 0.00 ? 17 MET A HE2  1 
ATOM 272 H HE3  . MET A 1 17 ? -8.207 7.528   13.138  1.00 0.00 ? 17 MET A HE3  1 
ATOM 273 N N    . SER A 1 18 ? -3.953 4.637   8.941   1.00 0.00 ? 18 SER A N    1 
ATOM 274 C CA   . SER A 1 18 ? -3.313 3.324   9.280   1.00 0.00 ? 18 SER A CA   1 
ATOM 275 C C    . SER A 1 18 ? -3.694 2.220   8.249   1.00 0.00 ? 18 SER A C    1 
ATOM 276 O O    . SER A 1 18 ? -4.364 1.233   8.570   1.00 0.00 ? 18 SER A O    1 
ATOM 277 C CB   . SER A 1 18 ? -3.515 2.899   10.759  1.00 0.00 ? 18 SER A CB   1 
ATOM 278 O OG   . SER A 1 18 ? -2.922 3.841   11.645  1.00 0.00 ? 18 SER A OG   1 
ATOM 279 H H    . SER A 1 18 ? -3.488 5.344   8.350   1.00 0.00 ? 18 SER A H    1 
ATOM 280 H HA   . SER A 1 18 ? -2.214 3.459   9.187   1.00 0.00 ? 18 SER A HA   1 
ATOM 281 H HB2  . SER A 1 18 ? -4.586 2.781   11.008  1.00 0.00 ? 18 SER A HB2  1 
ATOM 282 H HB3  . SER A 1 18 ? -3.053 1.912   10.943  1.00 0.00 ? 18 SER A HB3  1 
ATOM 283 H HG   . SER A 1 18 ? -3.096 3.517   12.531  1.00 0.00 ? 18 SER A HG   1 
ATOM 284 N N    . ILE A 1 19 ? -3.233 2.422   7.001   1.00 0.00 ? 19 ILE A N    1 
ATOM 285 C CA   . ILE A 1 19 ? -3.486 1.489   5.866   1.00 0.00 ? 19 ILE A CA   1 
ATOM 286 C C    . ILE A 1 19 ? -2.315 0.460   5.787   1.00 0.00 ? 19 ILE A C    1 
ATOM 287 O O    . ILE A 1 19 ? -1.230 0.764   5.281   1.00 0.00 ? 19 ILE A O    1 
ATOM 288 C CB   . ILE A 1 19 ? -3.811 2.304   4.560   1.00 0.00 ? 19 ILE A CB   1 
ATOM 289 C CG1  . ILE A 1 19 ? -4.300 1.423   3.374   1.00 0.00 ? 19 ILE A CG1  1 
ATOM 290 C CG2  . ILE A 1 19 ? -2.678 3.243   4.062   1.00 0.00 ? 19 ILE A CG2  1 
ATOM 291 C CD1  . ILE A 1 19 ? -5.638 0.700   3.578   1.00 0.00 ? 19 ILE A CD1  1 
ATOM 292 H H    . ILE A 1 19 ? -2.806 3.349   6.875   1.00 0.00 ? 19 ILE A H    1 
ATOM 293 H HA   . ILE A 1 19 ? -4.422 0.937   6.089   1.00 0.00 ? 19 ILE A HA   1 
ATOM 294 H HB   . ILE A 1 19 ? -4.657 2.968   4.819   1.00 0.00 ? 19 ILE A HB   1 
ATOM 295 H HG12 . ILE A 1 19 ? -4.412 2.045   2.470   1.00 0.00 ? 19 ILE A HG12 1 
ATOM 296 H HG13 . ILE A 1 19 ? -3.525 0.683   3.116   1.00 0.00 ? 19 ILE A HG13 1 
ATOM 297 H HG21 . ILE A 1 19 ? -3.026 3.903   3.248   1.00 0.00 ? 19 ILE A HG21 1 
ATOM 298 H HG22 . ILE A 1 19 ? -2.312 3.911   4.862   1.00 0.00 ? 19 ILE A HG22 1 
ATOM 299 H HG23 . ILE A 1 19 ? -1.805 2.685   3.675   1.00 0.00 ? 19 ILE A HG23 1 
ATOM 300 H HD11 . ILE A 1 19 ? -5.584 -0.055  4.383   1.00 0.00 ? 19 ILE A HD11 1 
ATOM 301 H HD12 . ILE A 1 19 ? -6.450 1.407   3.832   1.00 0.00 ? 19 ILE A HD12 1 
ATOM 302 H HD13 . ILE A 1 19 ? -5.943 0.169   2.658   1.00 0.00 ? 19 ILE A HD13 1 
ATOM 303 N N    . ARG A 1 20 ? -2.560 -0.750  6.324   1.00 0.00 ? 20 ARG A N    1 
ATOM 304 C CA   . ARG A 1 20 ? -1.568 -1.862  6.347   1.00 0.00 ? 20 ARG A CA   1 
ATOM 305 C C    . ARG A 1 20 ? -2.086 -3.077  5.531   1.00 0.00 ? 20 ARG A C    1 
ATOM 306 O O    . ARG A 1 20 ? -3.275 -3.268  5.265   1.00 0.00 ? 20 ARG A O    1 
ATOM 307 C CB   . ARG A 1 20 ? -1.279 -2.325  7.802   1.00 0.00 ? 20 ARG A CB   1 
ATOM 308 C CG   . ARG A 1 20 ? -0.399 -1.420  8.702   1.00 0.00 ? 20 ARG A CG   1 
ATOM 309 C CD   . ARG A 1 20 ? -1.074 -0.142  9.250   1.00 0.00 ? 20 ARG A CD   1 
ATOM 310 N NE   . ARG A 1 20 ? -0.273 0.525   10.307  1.00 0.00 ? 20 ARG A NE   1 
ATOM 311 C CZ   . ARG A 1 20 ? -0.406 0.310   11.633  1.00 0.00 ? 20 ARG A CZ   1 
ATOM 312 N NH1  . ARG A 1 20 ? -1.272 -0.550  12.165  1.00 0.00 ? 20 ARG A NH1  1 
ATOM 313 N NH2  . ARG A 1 20 ? 0.373  0.991   12.454  1.00 0.00 ? 20 ARG A NH2  1 
ATOM 314 H H    . ARG A 1 20 ? -3.502 -0.864  6.712   1.00 0.00 ? 20 ARG A H    1 
ATOM 315 H HA   . ARG A 1 20 ? -0.607 -1.534  5.900   1.00 0.00 ? 20 ARG A HA   1 
ATOM 316 H HB2  . ARG A 1 20 ? -2.223 -2.567  8.327   1.00 0.00 ? 20 ARG A HB2  1 
ATOM 317 H HB3  . ARG A 1 20 ? -0.748 -3.295  7.746   1.00 0.00 ? 20 ARG A HB3  1 
ATOM 318 H HG2  . ARG A 1 20 ? -0.073 -2.039  9.561   1.00 0.00 ? 20 ARG A HG2  1 
ATOM 319 H HG3  . ARG A 1 20 ? 0.534  -1.156  8.170   1.00 0.00 ? 20 ARG A HG3  1 
ATOM 320 H HD2  . ARG A 1 20 ? -1.203 0.582   8.427   1.00 0.00 ? 20 ARG A HD2  1 
ATOM 321 H HD3  . ARG A 1 20 ? -2.100 -0.361  9.605   1.00 0.00 ? 20 ARG A HD3  1 
ATOM 322 H HH11 . ARG A 1 20 ? -1.864 -1.070  11.509  1.00 0.00 ? 20 ARG A HH11 1 
ATOM 323 H HH12 . ARG A 1 20 ? -1.274 -0.627  13.189  1.00 0.00 ? 20 ARG A HH12 1 
ATOM 324 H HH21 . ARG A 1 20 ? 1.034  1.647   12.023  1.00 0.00 ? 20 ARG A HH21 1 
ATOM 325 H HH22 . ARG A 1 20 ? 0.255  0.806   13.456  1.00 0.00 ? 20 ARG A HH22 1 
# 
